data_5WFM
#
_entry.id   5WFM
#
_cell.length_a   90.902
_cell.length_b   90.902
_cell.length_c   133.737
_cell.angle_alpha   90.000
_cell.angle_beta   90.000
_cell.angle_gamma   90.000
#
_symmetry.space_group_name_H-M   'I 4 2 2'
#
loop_
_entity.id
_entity.type
_entity.pdbx_description
1 polymer 'Polymerase acidic protein'
2 non-polymer 'MANGANESE (II) ION'
3 non-polymer 'SULFATE ION'
4 non-polymer 2-[(2S)-1-{[(2-chlorophenyl)sulfanyl]acetyl}pyrrolidin-2-yl]-5-hydroxy-6-oxo-N-[2-(phenylsulfonyl)ethyl]-1,6-dihydropyrimidine-4-carboxamide
5 water water
#
_entity_poly.entity_id   1
_entity_poly.type   'polypeptide(L)'
_entity_poly.pdbx_seq_one_letter_code
;MGSSHHHHHHSSGLVPRGSHMEDFVRQCFNPMIVELAEKAMKEYGEDPKIETNKFAAICTHLEVCFMYSDGGSKHRFEII
EGRDRIMAWTVVNSICNTTGVEKPKFLPDLYDYKENRFIDIGVTRREVHIYYLEKANKIKSEKTHIHIFSFTGEEMATKA
DYTLDEESRARIKTRLFTIRQEMASRSLWDSFRQSER
;
_entity_poly.pdbx_strand_id   A
#
loop_
_chem_comp.id
_chem_comp.type
_chem_comp.name
_chem_comp.formula
KU5 non-polymer 2-[(2S)-1-{[(2-chlorophenyl)sulfanyl]acetyl}pyrrolidin-2-yl]-5-hydroxy-6-oxo-N-[2-(phenylsulfonyl)ethyl]-1,6-dihydropyrimidine-4-carboxamide 'C25 H25 Cl N4 O6 S2'
MN non-polymer 'MANGANESE (II) ION' 'Mn 2'
SO4 non-polymer 'SULFATE ION' 'O4 S -2'
#
# COMPACT_ATOMS: atom_id res chain seq x y z
N GLY A 18 -6.19 19.78 15.84
CA GLY A 18 -4.91 19.16 16.14
C GLY A 18 -5.07 17.88 16.93
N SER A 19 -5.19 16.77 16.20
CA SER A 19 -5.45 15.47 16.83
C SER A 19 -4.15 14.82 17.31
N HIS A 20 -4.31 13.89 18.24
CA HIS A 20 -3.18 13.08 18.68
C HIS A 20 -2.68 12.18 17.55
N MET A 21 -3.59 11.68 16.73
CA MET A 21 -3.20 10.77 15.65
C MET A 21 -2.33 11.47 14.61
N GLU A 22 -2.62 12.74 14.33
CA GLU A 22 -1.86 13.45 13.31
C GLU A 22 -0.42 13.68 13.76
N ASP A 23 -0.22 14.00 15.04
CA ASP A 23 1.15 14.18 15.53
C ASP A 23 1.90 12.86 15.62
N PHE A 24 1.20 11.76 15.91
CA PHE A 24 1.85 10.45 15.93
C PHE A 24 2.33 10.07 14.54
N VAL A 25 1.53 10.34 13.52
CA VAL A 25 1.91 9.98 12.14
C VAL A 25 3.19 10.69 11.74
N ARG A 26 3.31 11.97 12.08
CA ARG A 26 4.43 12.76 11.57
C ARG A 26 5.74 12.39 12.25
N GLN A 27 5.68 11.87 13.48
CA GLN A 27 6.89 11.43 14.16
C GLN A 27 7.15 9.93 14.04
N CYS A 28 6.23 9.18 13.43
CA CYS A 28 6.39 7.75 13.24
C CYS A 28 6.90 7.39 11.85
N PHE A 29 6.47 8.10 10.82
CA PHE A 29 6.90 7.86 9.46
C PHE A 29 7.85 8.95 8.99
N ASN A 30 8.73 8.61 8.06
CA ASN A 30 9.75 9.54 7.62
C ASN A 30 9.10 10.68 6.82
N PRO A 31 9.75 11.86 6.78
CA PRO A 31 9.10 13.03 6.15
C PRO A 31 8.78 12.85 4.68
N MET A 32 9.58 12.07 3.94
CA MET A 32 9.29 11.86 2.53
C MET A 32 7.98 11.12 2.33
N ILE A 33 7.67 10.17 3.22
CA ILE A 33 6.42 9.43 3.10
C ILE A 33 5.25 10.30 3.54
N VAL A 34 5.44 11.08 4.61
CA VAL A 34 4.39 12.00 5.05
C VAL A 34 4.07 13.02 3.97
N GLU A 35 5.11 13.50 3.28
CA GLU A 35 4.91 14.46 2.19
C GLU A 35 4.04 13.86 1.09
N LEU A 36 4.41 12.66 0.62
CA LEU A 36 3.67 12.04 -0.47
C LEU A 36 2.23 11.73 -0.07
N ALA A 37 2.02 11.30 1.17
CA ALA A 37 0.68 11.02 1.65
C ALA A 37 -0.17 12.29 1.68
N GLU A 38 0.42 13.40 2.13
CA GLU A 38 -0.29 14.67 2.13
C GLU A 38 -0.64 15.10 0.71
N LYS A 39 0.32 15.00 -0.21
CA LYS A 39 0.04 15.33 -1.61
C LYS A 39 -1.00 14.40 -2.19
N ALA A 40 -0.94 13.11 -1.83
CA ALA A 40 -1.96 12.16 -2.30
C ALA A 40 -3.34 12.53 -1.77
N MET A 41 -3.43 12.95 -0.50
CA MET A 41 -4.73 13.21 0.09
C MET A 41 -5.37 14.49 -0.44
N LYS A 42 -4.56 15.45 -0.93
CA LYS A 42 -5.11 16.71 -1.41
C LYS A 42 -5.66 16.57 -2.82
N GLU A 43 -5.00 15.79 -3.66
CA GLU A 43 -5.73 15.14 -4.73
C GLU A 43 -6.77 14.21 -4.11
N TYR A 44 -7.87 14.01 -4.82
CA TYR A 44 -9.10 13.41 -4.30
C TYR A 44 -9.73 14.28 -3.22
N GLY A 45 -9.10 15.39 -2.83
CA GLY A 45 -9.71 16.36 -1.95
C GLY A 45 -10.01 15.91 -0.54
N GLU A 46 -8.98 15.55 0.23
CA GLU A 46 -9.14 15.16 1.62
C GLU A 46 -8.09 15.86 2.47
N ASP A 47 -8.45 16.13 3.73
CA ASP A 47 -7.60 16.90 4.63
C ASP A 47 -6.90 15.96 5.59
N PRO A 48 -5.57 15.92 5.61
CA PRO A 48 -4.87 15.10 6.61
C PRO A 48 -5.15 15.50 8.04
N LYS A 49 -5.55 16.74 8.29
CA LYS A 49 -5.81 17.20 9.65
C LYS A 49 -7.13 16.68 10.20
N ILE A 50 -8.10 16.39 9.33
CA ILE A 50 -9.41 15.93 9.77
C ILE A 50 -9.52 14.42 9.60
N GLU A 51 -9.30 13.92 8.38
CA GLU A 51 -9.34 12.48 8.13
C GLU A 51 -8.02 11.86 8.61
N THR A 52 -7.89 11.82 9.94
CA THR A 52 -6.65 11.41 10.57
C THR A 52 -6.36 9.93 10.37
N ASN A 53 -7.38 9.08 10.42
CA ASN A 53 -7.13 7.65 10.29
C ASN A 53 -6.78 7.27 8.86
N LYS A 54 -7.40 7.95 7.89
CA LYS A 54 -7.00 7.76 6.50
C LYS A 54 -5.59 8.27 6.26
N PHE A 55 -5.19 9.34 6.96
CA PHE A 55 -3.83 9.83 6.88
C PHE A 55 -2.83 8.77 7.33
N ALA A 56 -3.11 8.11 8.46
CA ALA A 56 -2.23 7.06 8.94
C ALA A 56 -2.25 5.86 8.01
N ALA A 57 -3.41 5.55 7.42
CA ALA A 57 -3.51 4.39 6.55
C ALA A 57 -2.72 4.58 5.26
N ILE A 58 -2.69 5.80 4.73
CA ILE A 58 -1.99 6.04 3.47
C ILE A 58 -0.49 6.02 3.68
N CYS A 59 -0.01 6.61 4.79
CA CYS A 59 1.40 6.52 5.12
C CYS A 59 1.83 5.06 5.27
N THR A 60 1.02 4.25 5.96
CA THR A 60 1.33 2.85 6.15
C THR A 60 1.39 2.12 4.81
N HIS A 61 0.37 2.30 3.98
CA HIS A 61 0.34 1.67 2.67
C HIS A 61 1.54 2.10 1.82
N LEU A 62 1.95 3.37 1.96
CA LEU A 62 3.07 3.86 1.18
C LEU A 62 4.38 3.21 1.62
N GLU A 63 4.61 3.13 2.93
CA GLU A 63 5.84 2.51 3.43
C GLU A 63 5.90 1.04 3.04
N VAL A 64 4.75 0.34 3.07
CA VAL A 64 4.74 -1.07 2.69
C VAL A 64 5.12 -1.22 1.22
N CYS A 65 4.58 -0.35 0.36
CA CYS A 65 4.95 -0.38 -1.06
C CYS A 65 6.44 -0.16 -1.24
N PHE A 66 7.01 0.81 -0.51
CA PHE A 66 8.44 1.08 -0.63
C PHE A 66 9.27 -0.11 -0.13
N MET A 67 8.90 -0.66 1.03
CA MET A 67 9.58 -1.85 1.52
C MET A 67 9.44 -3.01 0.55
N TYR A 68 8.25 -3.17 -0.04
CA TYR A 68 8.01 -4.23 -1.01
C TYR A 68 8.96 -4.10 -2.21
N SER A 69 9.10 -2.89 -2.74
CA SER A 69 9.94 -2.69 -3.91
C SER A 69 11.42 -2.89 -3.59
N ASP A 70 11.80 -2.72 -2.33
CA ASP A 70 13.18 -2.96 -1.92
C ASP A 70 13.46 -4.45 -1.69
N GLY A 71 12.44 -5.30 -1.76
CA GLY A 71 12.64 -6.72 -1.51
C GLY A 71 13.24 -7.50 -2.65
N GLY A 72 13.04 -7.04 -3.89
CA GLY A 72 13.56 -7.72 -5.05
C GLY A 72 14.99 -7.34 -5.36
N SER A 73 15.42 -7.71 -6.57
CA SER A 73 16.74 -7.33 -7.05
C SER A 73 16.77 -5.81 -7.29
N LYS A 74 17.90 -5.33 -7.83
CA LYS A 74 18.17 -3.90 -7.90
C LYS A 74 17.00 -3.13 -8.53
N HIS A 75 16.64 -3.48 -9.76
CA HIS A 75 15.61 -2.74 -10.46
C HIS A 75 14.47 -3.66 -10.91
N ARG A 76 13.94 -4.46 -9.99
CA ARG A 76 12.88 -5.39 -10.35
C ARG A 76 11.52 -4.70 -10.44
N PHE A 77 11.26 -3.74 -9.56
CA PHE A 77 9.94 -3.15 -9.41
C PHE A 77 9.91 -1.71 -9.88
N GLU A 78 8.94 -1.39 -10.73
CA GLU A 78 8.60 0.00 -11.03
C GLU A 78 7.54 0.45 -10.04
N ILE A 79 7.76 1.60 -9.42
CA ILE A 79 6.89 2.10 -8.37
C ILE A 79 5.85 3.04 -8.99
N ILE A 80 4.58 2.67 -8.86
CA ILE A 80 3.48 3.49 -9.36
C ILE A 80 2.86 4.33 -8.25
N GLU A 81 2.68 3.73 -7.07
CA GLU A 81 2.13 4.45 -5.93
C GLU A 81 3.05 5.59 -5.52
N GLY A 82 2.46 6.68 -5.03
CA GLY A 82 3.20 7.85 -4.64
C GLY A 82 3.36 8.90 -5.72
N ARG A 83 3.19 8.53 -6.98
CA ARG A 83 3.21 9.50 -8.06
C ARG A 83 1.86 10.19 -8.18
N ASP A 84 1.88 11.41 -8.71
CA ASP A 84 0.62 12.07 -9.05
C ASP A 84 -0.12 11.27 -10.11
N ARG A 85 -1.44 11.49 -10.19
CA ARG A 85 -2.29 10.64 -11.01
C ARG A 85 -1.83 10.62 -12.47
N ILE A 86 -1.46 11.78 -13.02
CA ILE A 86 -1.13 11.86 -14.43
C ILE A 86 0.18 11.12 -14.72
N MET A 87 1.20 11.31 -13.87
CA MET A 87 2.48 10.66 -14.12
C MET A 87 2.37 9.15 -13.88
N ALA A 88 1.61 8.74 -12.86
CA ALA A 88 1.45 7.32 -12.61
C ALA A 88 0.78 6.62 -13.80
N TRP A 89 -0.23 7.26 -14.39
CA TRP A 89 -0.84 6.70 -15.59
C TRP A 89 0.11 6.75 -16.78
N THR A 90 0.98 7.76 -16.84
CA THR A 90 1.96 7.84 -17.91
C THR A 90 2.90 6.64 -17.86
N VAL A 91 3.38 6.28 -16.67
CA VAL A 91 4.27 5.13 -16.55
C VAL A 91 3.52 3.82 -16.82
N VAL A 92 2.26 3.75 -16.40
CA VAL A 92 1.44 2.57 -16.69
C VAL A 92 1.30 2.39 -18.20
N ASN A 93 1.09 3.50 -18.93
CA ASN A 93 0.99 3.42 -20.38
C ASN A 93 2.30 2.94 -21.00
N SER A 94 3.43 3.46 -20.50
CA SER A 94 4.72 3.06 -21.04
C SER A 94 5.00 1.58 -20.78
N ILE A 95 4.65 1.11 -19.58
CA ILE A 95 4.86 -0.30 -19.24
C ILE A 95 3.99 -1.18 -20.13
N CYS A 96 2.75 -0.78 -20.36
CA CYS A 96 1.85 -1.58 -21.20
C CYS A 96 2.32 -1.57 -22.66
N ASN A 97 2.66 -0.41 -23.18
CA ASN A 97 3.04 -0.27 -24.58
C ASN A 97 4.45 -0.74 -24.86
N THR A 98 5.10 -1.41 -23.92
CA THR A 98 6.41 -2.01 -24.14
C THR A 98 6.48 -3.48 -23.75
N THR A 99 5.68 -3.93 -22.79
CA THR A 99 5.62 -5.34 -22.42
C THR A 99 4.41 -6.06 -23.00
N GLY A 100 3.44 -5.33 -23.53
CA GLY A 100 2.23 -5.97 -24.04
C GLY A 100 1.27 -6.43 -22.98
N VAL A 101 1.44 -5.97 -21.74
CA VAL A 101 0.54 -6.32 -20.65
C VAL A 101 -0.71 -5.45 -20.74
N GLU A 102 -1.86 -6.04 -20.39
CA GLU A 102 -3.13 -5.32 -20.47
C GLU A 102 -3.13 -4.10 -19.57
N LYS A 103 -3.85 -3.07 -19.99
CA LYS A 103 -3.92 -1.82 -19.25
C LYS A 103 -4.98 -1.92 -18.15
N PRO A 104 -4.60 -1.78 -16.88
CA PRO A 104 -5.60 -1.92 -15.80
C PRO A 104 -6.58 -0.76 -15.78
N LYS A 105 -7.76 -1.04 -15.23
CA LYS A 105 -8.78 -0.01 -15.10
C LYS A 105 -8.48 0.94 -13.95
N PHE A 106 -7.80 0.45 -12.91
CA PHE A 106 -7.40 1.26 -11.77
C PHE A 106 -5.89 1.23 -11.63
N LEU A 107 -5.33 2.32 -11.11
CA LEU A 107 -3.88 2.41 -10.95
C LEU A 107 -3.38 1.35 -9.98
N PRO A 108 -2.38 0.55 -10.36
CA PRO A 108 -1.77 -0.39 -9.42
C PRO A 108 -0.75 0.33 -8.54
N ASP A 109 -0.05 -0.45 -7.72
CA ASP A 109 0.98 0.08 -6.84
C ASP A 109 2.38 -0.13 -7.39
N LEU A 110 2.67 -1.30 -7.95
CA LEU A 110 3.98 -1.60 -8.49
C LEU A 110 3.83 -2.32 -9.82
N TYR A 111 4.95 -2.46 -10.54
CA TYR A 111 5.04 -3.36 -11.67
C TYR A 111 6.25 -4.26 -11.48
N ASP A 112 6.03 -5.56 -11.64
CA ASP A 112 7.06 -6.58 -11.45
C ASP A 112 7.67 -6.88 -12.81
N TYR A 113 8.85 -6.32 -13.08
CA TYR A 113 9.52 -6.60 -14.35
C TYR A 113 9.94 -8.06 -14.47
N LYS A 114 10.10 -8.77 -13.36
CA LYS A 114 10.46 -10.18 -13.41
C LYS A 114 9.25 -11.05 -13.75
N GLU A 115 8.16 -10.90 -12.99
CA GLU A 115 6.95 -11.68 -13.23
C GLU A 115 6.03 -11.03 -14.26
N ASN A 116 6.35 -9.82 -14.72
CA ASN A 116 5.61 -9.13 -15.78
C ASN A 116 4.12 -9.01 -15.44
N ARG A 117 3.86 -8.33 -14.33
CA ARG A 117 2.50 -8.12 -13.87
C ARG A 117 2.46 -6.92 -12.94
N PHE A 118 1.34 -6.19 -12.98
CA PHE A 118 1.11 -5.13 -12.01
C PHE A 118 0.69 -5.72 -10.68
N ILE A 119 1.02 -5.02 -9.60
CA ILE A 119 0.70 -5.46 -8.25
C ILE A 119 -0.03 -4.34 -7.52
N ASP A 120 -1.12 -4.68 -6.85
CA ASP A 120 -1.81 -3.79 -5.92
C ASP A 120 -1.65 -4.37 -4.53
N ILE A 121 -0.91 -3.67 -3.69
CA ILE A 121 -0.66 -4.09 -2.32
C ILE A 121 -1.81 -3.61 -1.44
N GLY A 122 -2.28 -4.48 -0.56
CA GLY A 122 -3.35 -4.16 0.36
C GLY A 122 -2.89 -4.27 1.80
N VAL A 123 -3.28 -3.29 2.61
CA VAL A 123 -3.05 -3.30 4.05
C VAL A 123 -4.40 -3.12 4.73
N THR A 124 -4.78 -4.10 5.55
CA THR A 124 -6.10 -4.11 6.15
C THR A 124 -6.00 -4.37 7.65
N ARG A 125 -7.03 -3.92 8.37
CA ARG A 125 -7.19 -4.21 9.78
C ARG A 125 -8.20 -5.31 10.04
N ARG A 126 -8.77 -5.91 8.98
CA ARG A 126 -9.76 -6.95 9.08
C ARG A 126 -9.18 -8.27 8.55
N GLU A 127 -10.05 -9.23 8.29
CA GLU A 127 -9.61 -10.51 7.75
C GLU A 127 -9.06 -10.34 6.33
N VAL A 128 -7.91 -10.95 6.07
CA VAL A 128 -7.31 -10.87 4.74
C VAL A 128 -8.23 -11.50 3.70
N HIS A 129 -9.12 -12.41 4.12
CA HIS A 129 -10.02 -13.07 3.19
C HIS A 129 -11.05 -12.09 2.64
N ILE A 130 -11.76 -11.39 3.52
CA ILE A 130 -12.82 -10.49 3.07
C ILE A 130 -12.24 -9.30 2.33
N TYR A 131 -11.09 -8.79 2.79
CA TYR A 131 -10.48 -7.63 2.13
C TYR A 131 -10.01 -7.98 0.72
N TYR A 132 -9.54 -9.21 0.51
CA TYR A 132 -9.12 -9.61 -0.82
C TYR A 132 -10.28 -9.59 -1.81
N LEU A 133 -11.42 -10.17 -1.40
CA LEU A 133 -12.57 -10.24 -2.30
C LEU A 133 -13.04 -8.86 -2.73
N GLU A 134 -13.09 -7.91 -1.79
CA GLU A 134 -13.52 -6.55 -2.13
C GLU A 134 -12.53 -5.89 -3.07
N LYS A 135 -11.23 -6.16 -2.89
CA LYS A 135 -10.22 -5.53 -3.72
C LYS A 135 -10.31 -6.01 -5.17
N ALA A 136 -10.45 -7.32 -5.36
CA ALA A 136 -10.56 -7.84 -6.72
C ALA A 136 -11.83 -7.36 -7.40
N ASN A 137 -12.93 -7.27 -6.64
CA ASN A 137 -14.19 -6.76 -7.21
C ASN A 137 -14.05 -5.31 -7.65
N LYS A 138 -13.38 -4.49 -6.84
CA LYS A 138 -13.32 -3.06 -7.10
C LYS A 138 -12.48 -2.75 -8.33
N ILE A 139 -11.28 -3.34 -8.42
CA ILE A 139 -10.36 -2.98 -9.50
C ILE A 139 -10.83 -3.55 -10.83
N LYS A 140 -11.54 -4.68 -10.80
CA LYS A 140 -12.04 -5.34 -12.02
C LYS A 140 -10.92 -5.55 -13.04
N SER A 141 -9.74 -5.90 -12.54
CA SER A 141 -8.57 -6.18 -13.37
C SER A 141 -7.99 -7.50 -12.86
N GLU A 142 -8.56 -8.61 -13.35
CA GLU A 142 -8.16 -9.94 -12.92
C GLU A 142 -6.71 -10.27 -13.26
N LYS A 143 -6.03 -9.41 -14.01
CA LYS A 143 -4.63 -9.62 -14.36
C LYS A 143 -3.68 -8.87 -13.43
N THR A 144 -4.19 -7.90 -12.68
CA THR A 144 -3.38 -7.23 -11.66
C THR A 144 -3.21 -8.15 -10.47
N HIS A 145 -1.96 -8.55 -10.20
CA HIS A 145 -1.68 -9.38 -9.04
C HIS A 145 -2.01 -8.63 -7.76
N ILE A 146 -2.62 -9.33 -6.81
CA ILE A 146 -3.04 -8.73 -5.54
C ILE A 146 -2.29 -9.43 -4.41
N HIS A 147 -1.79 -8.64 -3.46
CA HIS A 147 -1.14 -9.17 -2.28
C HIS A 147 -1.58 -8.33 -1.08
N ILE A 148 -2.20 -8.98 -0.10
CA ILE A 148 -2.73 -8.30 1.08
C ILE A 148 -1.81 -8.58 2.26
N PHE A 149 -1.61 -7.56 3.09
CA PHE A 149 -1.00 -7.69 4.41
C PHE A 149 -2.00 -7.24 5.46
N SER A 150 -2.00 -7.90 6.61
CA SER A 150 -2.79 -7.49 7.75
C SER A 150 -1.86 -7.02 8.87
N PHE A 151 -2.42 -6.21 9.78
CA PHE A 151 -1.65 -5.73 10.90
C PHE A 151 -1.35 -6.83 11.92
N THR A 152 -2.01 -7.99 11.82
CA THR A 152 -1.79 -9.08 12.73
C THR A 152 -0.76 -10.09 12.24
N GLY A 153 -0.37 -10.03 10.97
CA GLY A 153 0.69 -10.88 10.45
C GLY A 153 0.28 -11.86 9.37
N GLU A 154 -0.98 -11.89 8.94
CA GLU A 154 -1.37 -12.77 7.85
C GLU A 154 -1.17 -12.07 6.50
N GLU A 155 -1.15 -12.86 5.44
CA GLU A 155 -1.03 -12.32 4.10
C GLU A 155 -1.75 -13.25 3.12
N MET A 156 -2.22 -12.66 2.03
CA MET A 156 -2.92 -13.41 0.98
C MET A 156 -2.54 -12.81 -0.36
N ALA A 157 -2.09 -13.66 -1.27
CA ALA A 157 -1.66 -13.23 -2.59
C ALA A 157 -2.39 -14.03 -3.67
N THR A 158 -2.56 -13.41 -4.83
CA THR A 158 -3.20 -14.07 -5.95
C THR A 158 -2.46 -15.35 -6.32
N LYS A 159 -3.20 -16.43 -6.54
CA LYS A 159 -2.65 -17.73 -6.90
C LYS A 159 -1.65 -18.25 -5.88
N ALA A 160 -1.73 -17.76 -4.63
CA ALA A 160 -0.77 -18.10 -3.58
C ALA A 160 0.66 -17.81 -4.00
N ASP A 161 0.85 -16.86 -4.92
CA ASP A 161 2.17 -16.47 -5.40
C ASP A 161 2.54 -15.16 -4.70
N TYR A 162 3.45 -15.25 -3.72
CA TYR A 162 3.78 -14.13 -2.86
C TYR A 162 4.97 -13.33 -3.35
N THR A 163 5.38 -13.52 -4.61
CA THR A 163 6.36 -12.67 -5.28
C THR A 163 7.74 -12.67 -4.62
N LEU A 164 7.82 -12.19 -3.39
CA LEU A 164 9.09 -12.05 -2.68
C LEU A 164 9.37 -13.26 -1.81
N ASP A 165 10.64 -13.38 -1.40
CA ASP A 165 10.99 -14.45 -0.47
C ASP A 165 10.45 -14.14 0.93
N GLU A 166 10.52 -15.15 1.80
CA GLU A 166 9.87 -15.07 3.10
C GLU A 166 10.46 -13.95 3.95
N GLU A 167 11.76 -13.70 3.84
CA GLU A 167 12.41 -12.73 4.73
C GLU A 167 11.98 -11.29 4.43
N SER A 168 11.74 -10.97 3.16
CA SER A 168 11.28 -9.63 2.82
C SER A 168 9.86 -9.39 3.32
N ARG A 169 9.00 -10.41 3.21
CA ARG A 169 7.63 -10.26 3.69
C ARG A 169 7.58 -10.20 5.22
N ALA A 170 8.45 -10.96 5.89
CA ALA A 170 8.47 -10.94 7.36
C ALA A 170 8.86 -9.56 7.89
N ARG A 171 9.75 -8.86 7.19
CA ARG A 171 10.09 -7.50 7.60
C ARG A 171 8.89 -6.57 7.51
N ILE A 172 8.06 -6.76 6.49
CA ILE A 172 6.86 -5.93 6.35
C ILE A 172 5.88 -6.23 7.47
N LYS A 173 5.67 -7.50 7.80
CA LYS A 173 4.75 -7.86 8.87
C LYS A 173 5.24 -7.35 10.21
N THR A 174 6.55 -7.40 10.46
CA THR A 174 7.08 -6.89 11.72
C THR A 174 6.82 -5.40 11.87
N ARG A 175 7.10 -4.63 10.81
CA ARG A 175 6.85 -3.19 10.86
C ARG A 175 5.37 -2.89 11.05
N LEU A 176 4.50 -3.69 10.42
CA LEU A 176 3.06 -3.47 10.57
C LEU A 176 2.62 -3.70 12.01
N PHE A 177 3.16 -4.73 12.67
CA PHE A 177 2.80 -4.97 14.05
C PHE A 177 3.39 -3.93 14.98
N THR A 178 4.55 -3.37 14.62
CA THR A 178 5.13 -2.29 15.42
C THR A 178 4.24 -1.05 15.37
N ILE A 179 3.73 -0.72 14.19
CA ILE A 179 2.85 0.44 14.06
C ILE A 179 1.61 0.27 14.93
N ARG A 180 1.02 -0.92 14.93
CA ARG A 180 -0.18 -1.14 15.74
C ARG A 180 0.14 -1.05 17.23
N GLN A 181 1.30 -1.56 17.64
CA GLN A 181 1.71 -1.42 19.04
C GLN A 181 1.87 0.04 19.42
N GLU A 182 2.47 0.86 18.55
CA GLU A 182 2.72 2.26 18.89
C GLU A 182 1.42 3.04 19.02
N MET A 183 0.39 2.66 18.26
CA MET A 183 -0.89 3.34 18.39
C MET A 183 -1.68 2.81 19.58
N ALA A 184 -1.58 1.51 19.85
CA ALA A 184 -2.24 0.95 21.02
C ALA A 184 -1.72 1.58 22.30
N SER A 185 -0.40 1.77 22.39
CA SER A 185 0.19 2.37 23.58
C SER A 185 -0.20 3.83 23.76
N ARG A 186 -0.70 4.47 22.70
CA ARG A 186 -1.23 5.82 22.76
C ARG A 186 -2.76 5.86 22.71
N SER A 187 -3.41 4.70 22.81
CA SER A 187 -4.87 4.60 22.85
C SER A 187 -5.50 5.15 21.57
N LEU A 188 -4.84 4.92 20.44
CA LEU A 188 -5.36 5.30 19.14
C LEU A 188 -5.65 4.11 18.24
N TRP A 189 -5.34 2.89 18.67
CA TRP A 189 -5.57 1.72 17.83
C TRP A 189 -7.05 1.42 17.69
N ASP A 190 -7.81 1.57 18.77
CA ASP A 190 -9.24 1.25 18.73
C ASP A 190 -9.96 2.11 17.70
N SER A 191 -9.71 3.42 17.71
CA SER A 191 -10.33 4.31 16.73
C SER A 191 -9.81 4.03 15.32
N PHE A 192 -8.57 3.56 15.21
CA PHE A 192 -8.02 3.24 13.89
C PHE A 192 -8.65 1.97 13.33
N ARG A 193 -8.69 0.90 14.12
CA ARG A 193 -9.27 -0.35 13.66
C ARG A 193 -10.76 -0.19 13.33
N GLN A 194 -11.48 0.56 14.16
CA GLN A 194 -12.90 0.82 13.90
C GLN A 194 -13.12 1.81 12.77
N SER A 195 -12.07 2.37 12.18
CA SER A 195 -12.19 3.30 11.08
C SER A 195 -12.22 2.62 9.71
N GLU A 196 -11.87 1.34 9.64
CA GLU A 196 -11.92 0.60 8.38
C GLU A 196 -13.21 -0.21 8.29
MN MN B . -2.69 -0.71 -2.80
MN MN C . -2.40 2.31 -4.94
S SO4 D . -10.90 9.49 9.65
O1 SO4 D . -10.02 9.91 10.74
O2 SO4 D . -11.84 10.57 9.34
O3 SO4 D . -11.63 8.30 10.04
O4 SO4 D . -10.09 9.20 8.47
S SO4 E . 14.84 -11.28 -7.43
O1 SO4 E . 15.90 -10.90 -6.50
O2 SO4 E . 13.57 -10.70 -6.98
O3 SO4 E . 14.71 -12.74 -7.45
O4 SO4 E . 15.16 -10.80 -8.77
C1 KU5 F . -7.11 1.84 -1.57
C1 KU5 F . -6.99 1.83 -1.54
C10 KU5 F . -6.89 0.63 -6.49
C10 KU5 F . -6.03 4.97 0.24
C11 KU5 F . -8.01 0.52 -5.70
C11 KU5 F . -5.14 3.92 0.33
C12 KU5 F . -8.83 1.61 -5.52
C12 KU5 F . -4.04 3.89 -0.48
C13 KU5 F . -8.53 2.82 -6.12
C13 KU5 F . -3.79 4.92 -1.38
C14 KU5 F . -8.39 2.14 -0.81
C14 KU5 F . -8.26 2.20 -0.80
C15 KU5 F . -9.52 1.13 -1.02
C15 KU5 F . -8.56 1.37 0.47
C16 KU5 F . -10.10 1.60 -2.36
C16 KU5 F . -9.21 0.12 -0.11
C17 KU5 F . -10.18 3.10 -2.16
C17 KU5 F . -10.16 0.69 -1.13
C18 KU5 F . -8.59 4.62 -1.01
C18 KU5 F . -9.79 2.65 -2.67
C19 KU5 F . -8.10 4.95 0.38
C19 KU5 F . -10.37 1.97 -3.89
C2 KU5 F . -5.57 2.48 -3.18
C2 KU5 F . -5.43 2.44 -3.14
C20 KU5 F . -5.19 4.69 -0.14
C20 KU5 F . -8.55 1.98 -6.10
C21 KU5 F . -4.19 3.72 -0.18
C21 KU5 F . -8.41 0.61 -5.89
C22 KU5 F . -3.08 3.88 -1.00
C22 KU5 F . -7.32 -0.06 -6.42
C23 KU5 F . -2.97 5.02 -1.78
C23 KU5 F . -6.37 0.62 -7.15
C24 KU5 F . -3.94 5.99 -1.74
C24 KU5 F . -6.50 1.97 -7.37
C25 KU5 F . -5.05 5.83 -0.93
C25 KU5 F . -7.59 2.64 -6.85
C3 KU5 F . -4.82 1.37 -2.97
C3 KU5 F . -4.73 1.28 -2.96
C4 KU5 F . -5.21 0.44 -2.01
C4 KU5 F . -5.17 0.34 -2.04
C5 KU5 F . -5.16 3.49 -4.21
C5 KU5 F . -4.97 3.48 -4.11
C6 KU5 F . -5.82 5.51 -5.43
C6 KU5 F . -5.26 5.82 -4.79
C7 KU5 F . -5.56 5.06 -6.86
C7 KU5 F . -5.52 7.04 -3.95
C8 KU5 F . -7.40 2.92 -6.90
C8 KU5 F . -4.69 5.97 -1.47
C9 KU5 F . -6.58 1.82 -7.10
C9 KU5 F . -5.81 6.00 -0.65
N1 KU5 F . -6.37 0.71 -1.31
N1 KU5 F . -6.33 0.65 -1.34
N2 KU5 F . -6.71 2.72 -2.49
N2 KU5 F . -6.54 2.71 -2.44
N3 KU5 F . -6.07 4.41 -4.51
N3 KU5 F . -5.70 4.59 -4.14
N4 KU5 F . -9.02 3.38 -1.29
N4 KU5 F . -9.46 1.90 -1.61
O1 KU5 F . -4.57 -0.60 -1.76
O1 KU5 F . -4.60 -0.74 -1.83
O2 KU5 F . -3.69 1.10 -3.63
O2 KU5 F . -3.61 0.97 -3.63
O3 KU5 F . -4.04 3.45 -4.71
O3 KU5 F . -3.97 3.30 -4.81
O4 KU5 F . -8.69 5.52 -1.85
O4 KU5 F . -9.60 3.86 -2.67
O5 KU5 F . -6.67 4.19 -9.05
O5 KU5 F . -4.74 8.52 -1.94
O6 KU5 F . -8.09 5.38 -7.41
O6 KU5 F . -3.05 7.15 -3.10
S1 KU5 F . -7.02 4.46 -7.69
S1 KU5 F . -4.39 7.29 -2.60
S2 KU5 F . -6.51 4.30 0.98
S2 KU5 F . -9.95 2.83 -5.43
CL1 KU5 F . -6.23 7.09 -0.92
CL1 KU5 F . -7.73 4.34 -7.14
#